data_5HHE
#
_entry.id   5HHE
#
_cell.length_a   58.200
_cell.length_b   71.575
_cell.length_c   58.446
_cell.angle_alpha   90.000
_cell.angle_beta   112.550
_cell.angle_gamma   90.000
#
_symmetry.space_group_name_H-M   'C 1 2 1'
#
loop_
_entity.id
_entity.type
_entity.pdbx_description
1 polymer Beclin-1
2 water water
#
_entity_poly.entity_id   1
_entity_poly.type   'polypeptide(L)'
_entity_poly.pdbx_seq_one_letter_code
;DDSEQLQMELKELALEEERLIQELEDVEKNRKIVAENLEKVQAEAERLDQEEAQYQREYSEFKRQQLELDDELKSVENQM
RYAQTQLDKLKLE
;
_entity_poly.pdbx_strand_id   D,A
#
# COMPACT_ATOMS: atom_id res chain seq x y z
N ASP A 1 -57.61 35.87 3.50
CA ASP A 1 -57.09 34.50 3.54
C ASP A 1 -55.77 34.42 2.75
N ASP A 2 -55.59 35.35 1.81
CA ASP A 2 -54.35 35.44 1.04
C ASP A 2 -53.12 35.54 1.95
N SER A 3 -53.20 36.42 2.94
CA SER A 3 -52.08 36.62 3.85
C SER A 3 -51.74 35.34 4.62
N GLU A 4 -52.75 34.62 5.09
CA GLU A 4 -52.50 33.39 5.83
C GLU A 4 -51.85 32.31 4.96
N GLN A 5 -52.30 32.21 3.72
CA GLN A 5 -51.71 31.27 2.75
C GLN A 5 -50.24 31.62 2.53
N LEU A 6 -49.96 32.89 2.32
CA LEU A 6 -48.56 33.31 2.14
C LEU A 6 -47.70 33.04 3.39
N GLN A 7 -48.26 33.26 4.57
CA GLN A 7 -47.50 33.00 5.79
C GLN A 7 -47.17 31.51 5.93
N MET A 8 -48.16 30.68 5.66
CA MET A 8 -47.94 29.22 5.70
C MET A 8 -46.89 28.81 4.68
N GLU A 9 -47.00 29.35 3.47
CA GLU A 9 -46.05 29.03 2.42
C GLU A 9 -44.63 29.43 2.81
N LEU A 10 -44.48 30.58 3.45
CA LEU A 10 -43.15 31.01 3.89
C LEU A 10 -42.58 30.09 4.96
N LYS A 11 -43.41 29.60 5.89
CA LYS A 11 -42.88 28.63 6.85
C LYS A 11 -42.46 27.30 6.19
N GLU A 12 -43.30 26.83 5.26
CA GLU A 12 -42.96 25.60 4.51
C GLU A 12 -41.64 25.75 3.75
N LEU A 13 -41.50 26.88 3.06
CA LEU A 13 -40.31 27.16 2.28
C LEU A 13 -39.08 27.30 3.17
N ALA A 14 -39.24 27.89 4.36
CA ALA A 14 -38.09 28.00 5.27
C ALA A 14 -37.59 26.62 5.69
N LEU A 15 -38.54 25.71 5.93
CA LEU A 15 -38.16 24.33 6.25
C LEU A 15 -37.43 23.67 5.08
N GLU A 16 -37.96 23.86 3.87
CA GLU A 16 -37.29 23.30 2.69
C GLU A 16 -35.87 23.88 2.47
N GLU A 17 -35.73 25.17 2.72
CA GLU A 17 -34.45 25.86 2.58
C GLU A 17 -33.45 25.30 3.56
N GLU A 18 -33.89 25.10 4.81
CA GLU A 18 -32.98 24.51 5.80
C GLU A 18 -32.55 23.10 5.39
N ARG A 19 -33.50 22.32 4.87
CA ARG A 19 -33.19 20.96 4.43
C ARG A 19 -32.11 20.99 3.34
N LEU A 20 -32.28 21.91 2.39
CA LEU A 20 -31.35 21.98 1.27
C LEU A 20 -29.98 22.46 1.72
N ILE A 21 -29.96 23.42 2.64
CA ILE A 21 -28.70 23.93 3.17
C ILE A 21 -27.92 22.83 3.88
N GLN A 22 -28.62 22.03 4.67
CA GLN A 22 -27.97 20.91 5.34
C GLN A 22 -27.47 19.85 4.36
N GLU A 23 -28.25 19.60 3.30
CA GLU A 23 -27.80 18.69 2.25
C GLU A 23 -26.52 19.20 1.59
N LEU A 24 -26.49 20.48 1.27
CA LEU A 24 -25.33 21.09 0.63
C LEU A 24 -24.11 20.98 1.51
N GLU A 25 -24.26 21.27 2.80
CA GLU A 25 -23.15 21.14 3.74
C GLU A 25 -22.64 19.69 3.81
N ASP A 26 -23.58 18.74 3.81
CA ASP A 26 -23.19 17.32 3.83
C ASP A 26 -22.38 16.94 2.57
N VAL A 27 -22.85 17.38 1.42
CA VAL A 27 -22.18 17.08 0.16
C VAL A 27 -20.79 17.70 0.12
N GLU A 28 -20.66 18.93 0.61
CA GLU A 28 -19.35 19.58 0.68
C GLU A 28 -18.37 18.84 1.59
N LYS A 29 -18.86 18.43 2.76
CA LYS A 29 -18.06 17.62 3.68
C LYS A 29 -17.53 16.35 2.98
N ASN A 30 -18.46 15.59 2.40
CA ASN A 30 -18.08 14.35 1.73
C ASN A 30 -17.13 14.59 0.57
N ARG A 31 -17.30 15.73 -0.09
CA ARG A 31 -16.48 16.07 -1.25
C ARG A 31 -15.05 16.30 -0.79
N LYS A 32 -14.89 17.03 0.32
CA LYS A 32 -13.55 17.27 0.87
C LYS A 32 -12.90 15.95 1.26
N ILE A 33 -13.69 15.06 1.86
CA ILE A 33 -13.14 13.76 2.24
C ILE A 33 -12.64 12.96 1.03
N VAL A 34 -13.46 12.89 -0.01
CA VAL A 34 -13.10 12.16 -1.21
C VAL A 34 -11.90 12.79 -1.93
N ALA A 35 -11.81 14.11 -1.92
CA ALA A 35 -10.68 14.79 -2.53
C ALA A 35 -9.39 14.43 -1.79
N GLU A 36 -9.47 14.38 -0.46
CA GLU A 36 -8.31 13.99 0.32
C GLU A 36 -7.88 12.55 0.00
N ASN A 37 -8.89 11.67 -0.12
CA ASN A 37 -8.60 10.28 -0.47
C ASN A 37 -7.96 10.16 -1.84
N LEU A 38 -8.44 10.96 -2.79
CA LEU A 38 -7.88 10.99 -4.13
C LEU A 38 -6.42 11.42 -4.10
N GLU A 39 -6.14 12.47 -3.34
CA GLU A 39 -4.76 12.95 -3.18
C GLU A 39 -3.88 11.83 -2.66
N LYS A 40 -4.36 11.15 -1.61
CA LYS A 40 -3.60 10.06 -1.02
C LYS A 40 -3.29 8.93 -2.00
N VAL A 41 -4.31 8.44 -2.70
CA VAL A 41 -4.08 7.32 -3.62
C VAL A 41 -3.22 7.73 -4.80
N GLN A 42 -3.32 8.99 -5.22
CA GLN A 42 -2.47 9.44 -6.32
C GLN A 42 -1.00 9.49 -5.91
N ALA A 43 -0.74 9.98 -4.69
CA ALA A 43 0.64 9.99 -4.21
C ALA A 43 1.18 8.55 -4.09
N GLU A 44 0.33 7.68 -3.54
CA GLU A 44 0.66 6.27 -3.39
C GLU A 44 1.01 5.63 -4.73
N ALA A 45 0.22 5.96 -5.76
CA ALA A 45 0.42 5.42 -7.10
C ALA A 45 1.73 5.91 -7.72
N GLU A 46 2.11 7.16 -7.45
CA GLU A 46 3.41 7.65 -7.93
C GLU A 46 4.58 6.87 -7.28
N ARG A 47 4.47 6.68 -5.96
CA ARG A 47 5.49 5.90 -5.26
CA ARG A 47 5.48 5.90 -5.24
C ARG A 47 5.58 4.48 -5.81
N LEU A 48 4.44 3.87 -6.09
CA LEU A 48 4.40 2.55 -6.70
C LEU A 48 5.03 2.55 -8.09
N ASP A 49 4.82 3.61 -8.85
CA ASP A 49 5.44 3.74 -10.17
C ASP A 49 6.96 3.70 -10.04
N GLN A 50 7.47 4.41 -9.03
CA GLN A 50 8.92 4.46 -8.83
C GLN A 50 9.48 3.10 -8.37
N GLU A 51 8.73 2.42 -7.51
CA GLU A 51 9.13 1.11 -7.02
C GLU A 51 9.20 0.11 -8.18
N GLU A 52 8.16 0.11 -9.00
CA GLU A 52 8.15 -0.73 -10.20
C GLU A 52 9.32 -0.40 -11.13
N ALA A 53 9.59 0.89 -11.35
CA ALA A 53 10.72 1.30 -12.19
C ALA A 53 12.05 0.73 -11.66
N GLN A 54 12.24 0.81 -10.34
CA GLN A 54 13.45 0.26 -9.73
C GLN A 54 13.56 -1.26 -9.95
N TYR A 55 12.48 -1.98 -9.67
CA TYR A 55 12.50 -3.42 -9.88
C TYR A 55 12.77 -3.79 -11.33
N GLN A 56 12.18 -3.02 -12.25
CA GLN A 56 12.35 -3.27 -13.68
C GLN A 56 13.81 -3.09 -14.08
N ARG A 57 14.43 -2.02 -13.57
CA ARG A 57 15.86 -1.82 -13.81
C ARG A 57 16.71 -2.98 -13.29
N GLU A 58 16.41 -3.42 -12.06
CA GLU A 58 17.13 -4.56 -11.47
C GLU A 58 16.96 -5.85 -12.29
N TYR A 59 15.74 -6.10 -12.73
CA TYR A 59 15.42 -7.30 -13.51
C TYR A 59 16.21 -7.29 -14.81
N SER A 60 16.15 -6.16 -15.52
CA SER A 60 16.89 -6.05 -16.78
C SER A 60 18.39 -6.22 -16.56
N GLU A 61 18.90 -5.64 -15.48
CA GLU A 61 20.33 -5.77 -15.18
C GLU A 61 20.72 -7.23 -14.92
N PHE A 62 19.89 -7.96 -14.16
CA PHE A 62 20.16 -9.37 -13.92
C PHE A 62 20.15 -10.17 -15.21
N LYS A 63 19.21 -9.86 -16.12
CA LYS A 63 19.21 -10.53 -17.42
C LYS A 63 20.52 -10.29 -18.20
N ARG A 64 20.99 -9.03 -18.21
CA ARG A 64 22.24 -8.76 -18.91
C ARG A 64 23.42 -9.49 -18.24
N GLN A 65 23.39 -9.57 -16.91
CA GLN A 65 24.42 -10.31 -16.18
C GLN A 65 24.40 -11.79 -16.55
N GLN A 66 23.21 -12.35 -16.71
CA GLN A 66 23.07 -13.74 -17.15
C GLN A 66 23.70 -13.93 -18.50
N LEU A 67 23.42 -13.03 -19.44
CA LEU A 67 24.03 -13.14 -20.77
C LEU A 67 25.57 -13.14 -20.71
N GLU A 68 26.10 -12.17 -19.95
CA GLU A 68 27.55 -12.04 -19.81
C GLU A 68 28.19 -13.28 -19.19
N LEU A 69 27.62 -13.74 -18.08
CA LEU A 69 28.15 -14.91 -17.39
C LEU A 69 28.05 -16.18 -18.24
N ASP A 70 26.97 -16.31 -19.01
CA ASP A 70 26.86 -17.44 -19.93
C ASP A 70 27.99 -17.41 -20.95
N ASP A 71 28.28 -16.23 -21.48
CA ASP A 71 29.37 -16.12 -22.46
C ASP A 71 30.73 -16.49 -21.83
N GLU A 72 30.96 -15.98 -20.61
CA GLU A 72 32.19 -16.30 -19.89
C GLU A 72 32.34 -17.80 -19.60
N LEU A 73 31.24 -18.43 -19.20
CA LEU A 73 31.25 -19.87 -18.91
C LEU A 73 31.51 -20.67 -20.17
N LYS A 74 30.89 -20.28 -21.27
CA LYS A 74 31.13 -20.94 -22.55
C LYS A 74 32.62 -20.85 -22.90
N SER A 75 33.21 -19.69 -22.66
CA SER A 75 34.64 -19.53 -22.93
C SER A 75 35.51 -20.47 -22.09
N VAL A 76 35.22 -20.52 -20.79
CA VAL A 76 35.96 -21.39 -19.89
C VAL A 76 35.83 -22.87 -20.27
N GLU A 77 34.62 -23.25 -20.66
CA GLU A 77 34.35 -24.62 -21.10
C GLU A 77 35.17 -24.96 -22.33
N ASN A 78 35.19 -24.04 -23.29
CA ASN A 78 35.98 -24.26 -24.50
C ASN A 78 37.48 -24.41 -24.19
N GLN A 79 37.97 -23.56 -23.29
CA GLN A 79 39.38 -23.62 -22.89
C GLN A 79 39.71 -24.94 -22.22
N MET A 80 38.79 -25.43 -21.41
CA MET A 80 38.98 -26.72 -20.75
C MET A 80 39.00 -27.86 -21.77
N ARG A 81 38.06 -27.84 -22.72
CA ARG A 81 38.03 -28.87 -23.77
C ARG A 81 39.34 -28.88 -24.55
N TYR A 82 39.85 -27.69 -24.87
CA TYR A 82 41.10 -27.62 -25.63
C TYR A 82 42.30 -28.15 -24.84
N ALA A 83 42.43 -27.69 -23.59
CA ALA A 83 43.53 -28.15 -22.75
C ALA A 83 43.47 -29.67 -22.54
N GLN A 84 42.26 -30.19 -22.37
CA GLN A 84 42.10 -31.63 -22.15
C GLN A 84 42.46 -32.41 -23.40
N THR A 85 42.08 -31.89 -24.57
CA THR A 85 42.46 -32.53 -25.83
C THR A 85 43.97 -32.61 -26.00
N GLN A 86 44.65 -31.49 -25.76
CA GLN A 86 46.12 -31.48 -25.84
C GLN A 86 46.76 -32.46 -24.86
N LEU A 87 46.21 -32.49 -23.63
CA LEU A 87 46.76 -33.36 -22.60
C LEU A 87 46.57 -34.83 -22.96
N ASP A 88 45.39 -35.16 -23.46
CA ASP A 88 45.09 -36.52 -23.91
C ASP A 88 46.04 -36.94 -25.01
N LYS A 89 46.31 -36.03 -25.94
CA LYS A 89 47.23 -36.35 -27.01
C LYS A 89 48.64 -36.59 -26.49
N LEU A 90 49.07 -35.75 -25.55
CA LEU A 90 50.40 -35.94 -24.96
C LEU A 90 50.51 -37.27 -24.21
N LYS A 91 49.47 -37.63 -23.47
CA LYS A 91 49.46 -38.86 -22.70
C LYS A 91 49.43 -40.09 -23.60
N LEU A 92 48.76 -39.97 -24.74
CA LEU A 92 48.74 -41.07 -25.72
C LEU A 92 50.07 -41.12 -26.47
N GLU A 93 50.85 -40.06 -26.33
CA GLU A 93 52.10 -39.85 -27.07
C GLU A 93 51.85 -39.82 -28.57
N ASP B 1 65.34 -18.37 1.05
CA ASP B 1 64.07 -19.08 0.83
C ASP B 1 62.98 -18.56 1.75
N ASP B 2 63.33 -18.24 2.99
CA ASP B 2 62.33 -17.83 3.97
C ASP B 2 61.79 -16.43 3.68
N SER B 3 62.67 -15.49 3.33
CA SER B 3 62.23 -14.15 3.00
C SER B 3 61.35 -14.19 1.76
N GLU B 4 61.72 -15.03 0.80
CA GLU B 4 60.92 -15.17 -0.42
C GLU B 4 59.53 -15.73 -0.10
N GLN B 5 59.50 -16.70 0.80
CA GLN B 5 58.24 -17.31 1.23
C GLN B 5 57.33 -16.28 1.89
N LEU B 6 57.93 -15.46 2.76
CA LEU B 6 57.17 -14.41 3.44
C LEU B 6 56.66 -13.36 2.47
N GLN B 7 57.47 -12.98 1.49
CA GLN B 7 57.05 -12.00 0.50
C GLN B 7 55.84 -12.51 -0.30
N MET B 8 55.93 -13.77 -0.72
CA MET B 8 54.84 -14.40 -1.44
C MET B 8 53.57 -14.45 -0.59
N GLU B 9 53.71 -14.86 0.67
CA GLU B 9 52.58 -14.94 1.57
C GLU B 9 51.93 -13.56 1.78
N LEU B 10 52.75 -12.52 1.85
CA LEU B 10 52.21 -11.17 2.01
C LEU B 10 51.39 -10.74 0.79
N LYS B 11 51.85 -11.10 -0.41
CA LYS B 11 51.06 -10.79 -1.60
C LYS B 11 49.73 -11.56 -1.65
N GLU B 12 49.79 -12.84 -1.27
CA GLU B 12 48.58 -13.67 -1.26
C GLU B 12 47.57 -13.12 -0.24
N LEU B 13 48.09 -12.75 0.92
CA LEU B 13 47.26 -12.22 2.00
C LEU B 13 46.67 -10.87 1.61
N ALA B 14 47.42 -10.05 0.88
CA ALA B 14 46.93 -8.75 0.48
C ALA B 14 45.74 -8.91 -0.48
N LEU B 15 45.85 -9.90 -1.36
CA LEU B 15 44.74 -10.21 -2.25
C LEU B 15 43.50 -10.66 -1.47
N GLU B 16 43.71 -11.54 -0.49
CA GLU B 16 42.60 -12.02 0.33
C GLU B 16 41.96 -10.88 1.15
N GLU B 17 42.79 -9.99 1.65
CA GLU B 17 42.36 -8.81 2.39
C GLU B 17 41.45 -7.92 1.53
N GLU B 18 41.87 -7.64 0.30
CA GLU B 18 41.07 -6.85 -0.62
C GLU B 18 39.71 -7.52 -0.89
N ARG B 19 39.74 -8.84 -1.09
CA ARG B 19 38.51 -9.58 -1.31
C ARG B 19 37.54 -9.45 -0.12
N LEU B 20 38.07 -9.60 1.09
CA LEU B 20 37.25 -9.49 2.30
C LEU B 20 36.70 -8.08 2.51
N ILE B 21 37.52 -7.07 2.27
CA ILE B 21 37.09 -5.68 2.38
C ILE B 21 35.95 -5.38 1.41
N GLN B 22 36.08 -5.83 0.17
CA GLN B 22 35.03 -5.58 -0.80
C GLN B 22 33.73 -6.30 -0.43
N GLU B 23 33.85 -7.54 0.04
CA GLU B 23 32.66 -8.28 0.44
C GLU B 23 31.99 -7.62 1.66
N LEU B 24 32.78 -7.15 2.60
CA LEU B 24 32.26 -6.41 3.75
C LEU B 24 31.50 -5.16 3.34
N GLU B 25 32.07 -4.39 2.40
CA GLU B 25 31.40 -3.20 1.90
C GLU B 25 30.07 -3.55 1.22
N ASP B 26 30.05 -4.66 0.49
CA ASP B 26 28.80 -5.10 -0.14
C ASP B 26 27.74 -5.44 0.90
N VAL B 27 28.15 -6.18 1.93
CA VAL B 27 27.24 -6.53 3.01
C VAL B 27 26.70 -5.30 3.72
N GLU B 28 27.55 -4.30 3.95
CA GLU B 28 27.13 -3.08 4.62
C GLU B 28 26.14 -2.29 3.77
N LYS B 29 26.41 -2.23 2.47
CA LYS B 29 25.49 -1.59 1.53
C LYS B 29 24.12 -2.24 1.60
N ASN B 30 24.10 -3.57 1.46
CA ASN B 30 22.86 -4.32 1.50
C ASN B 30 22.11 -4.17 2.83
N ARG B 31 22.88 -4.09 3.91
CA ARG B 31 22.32 -3.92 5.24
C ARG B 31 21.62 -2.56 5.34
N LYS B 32 22.26 -1.51 4.84
CA LYS B 32 21.64 -0.19 4.81
C LYS B 32 20.32 -0.21 4.04
N ILE B 33 20.32 -0.92 2.90
CA ILE B 33 19.11 -1.02 2.10
C ILE B 33 17.98 -1.71 2.86
N VAL B 34 18.29 -2.83 3.51
CA VAL B 34 17.27 -3.52 4.31
C VAL B 34 16.76 -2.65 5.46
N ALA B 35 17.64 -1.91 6.12
CA ALA B 35 17.27 -1.02 7.23
C ALA B 35 16.30 0.06 6.76
N GLU B 36 16.57 0.62 5.59
CA GLU B 36 15.68 1.62 5.00
C GLU B 36 14.32 1.01 4.70
N ASN B 37 14.32 -0.20 4.13
CA ASN B 37 13.05 -0.89 3.87
C ASN B 37 12.26 -1.17 5.13
N LEU B 38 12.95 -1.51 6.22
CA LEU B 38 12.28 -1.76 7.50
C LEU B 38 11.63 -0.48 8.01
N GLU B 39 12.36 0.63 7.96
CA GLU B 39 11.78 1.92 8.34
C GLU B 39 10.50 2.20 7.54
N LYS B 40 10.57 1.99 6.23
CA LYS B 40 9.47 2.27 5.32
C LYS B 40 8.23 1.45 5.65
N VAL B 41 8.41 0.14 5.77
CA VAL B 41 7.29 -0.73 6.06
C VAL B 41 6.70 -0.46 7.44
N GLN B 42 7.53 -0.09 8.41
CA GLN B 42 7.04 0.24 9.75
C GLN B 42 6.15 1.49 9.71
N ALA B 43 6.59 2.50 8.97
CA ALA B 43 5.78 3.71 8.80
C ALA B 43 4.45 3.36 8.15
N GLU B 44 4.52 2.55 7.09
CA GLU B 44 3.33 2.08 6.39
C GLU B 44 2.35 1.40 7.34
N ALA B 45 2.86 0.54 8.20
CA ALA B 45 2.03 -0.20 9.13
C ALA B 45 1.37 0.71 10.14
N GLU B 46 2.06 1.78 10.55
CA GLU B 46 1.44 2.75 11.46
C GLU B 46 0.27 3.48 10.79
N ARG B 47 0.48 3.86 9.52
CA ARG B 47 -0.58 4.51 8.75
C ARG B 47 -1.80 3.58 8.63
N LEU B 48 -1.53 2.30 8.36
CA LEU B 48 -2.61 1.32 8.25
C LEU B 48 -3.35 1.14 9.57
N ASP B 49 -2.63 1.18 10.69
CA ASP B 49 -3.26 1.09 12.01
C ASP B 49 -4.25 2.24 12.19
N GLN B 50 -3.85 3.43 11.76
CA GLN B 50 -4.74 4.58 11.86
C GLN B 50 -5.96 4.44 10.93
N GLU B 51 -5.74 3.92 9.72
CA GLU B 51 -6.83 3.74 8.77
C GLU B 51 -7.88 2.79 9.33
N GLU B 52 -7.39 1.69 9.92
CA GLU B 52 -8.28 0.71 10.53
C GLU B 52 -9.02 1.32 11.71
N ALA B 53 -8.31 2.12 12.52
CA ALA B 53 -8.93 2.77 13.67
C ALA B 53 -10.07 3.70 13.24
N GLN B 54 -9.84 4.42 12.15
CA GLN B 54 -10.84 5.34 11.63
C GLN B 54 -12.04 4.59 11.08
N TYR B 55 -11.80 3.50 10.35
CA TYR B 55 -12.93 2.69 9.88
C TYR B 55 -13.74 2.13 11.05
N GLN B 56 -13.06 1.74 12.13
CA GLN B 56 -13.74 1.23 13.32
C GLN B 56 -14.63 2.30 13.94
N ARG B 57 -14.10 3.52 14.01
CA ARG B 57 -14.87 4.66 14.49
C ARG B 57 -16.14 4.86 13.63
N GLU B 58 -15.98 4.80 12.31
CA GLU B 58 -17.12 4.96 11.40
C GLU B 58 -18.19 3.87 11.61
N TYR B 59 -17.72 2.64 11.78
CA TYR B 59 -18.61 1.51 12.03
C TYR B 59 -19.42 1.72 13.29
N SER B 60 -18.76 2.17 14.36
CA SER B 60 -19.45 2.45 15.61
C SER B 60 -20.50 3.54 15.45
N GLU B 61 -20.17 4.55 14.65
CA GLU B 61 -21.12 5.64 14.42
C GLU B 61 -22.37 5.15 13.68
N PHE B 62 -22.15 4.32 12.67
CA PHE B 62 -23.28 3.76 11.92
C PHE B 62 -24.11 2.84 12.81
N LYS B 63 -23.46 2.13 13.73
CA LYS B 63 -24.20 1.30 14.69
C LYS B 63 -25.08 2.19 15.58
N ARG B 64 -24.52 3.30 16.06
CA ARG B 64 -25.27 4.25 16.87
C ARG B 64 -26.53 4.73 16.13
N GLN B 65 -26.31 5.16 14.88
CA GLN B 65 -27.40 5.64 14.03
C GLN B 65 -28.47 4.58 13.84
N GLN B 66 -28.05 3.34 13.59
CA GLN B 66 -29.00 2.24 13.39
C GLN B 66 -29.84 1.98 14.65
N LEU B 67 -29.22 2.00 15.83
CA LEU B 67 -29.94 1.79 17.07
C LEU B 67 -31.00 2.89 17.27
N GLU B 68 -30.59 4.13 17.05
CA GLU B 68 -31.51 5.26 17.20
C GLU B 68 -32.71 5.13 16.24
N LEU B 69 -32.41 4.87 14.97
CA LEU B 69 -33.44 4.77 13.94
C LEU B 69 -34.40 3.61 14.19
N ASP B 70 -33.86 2.48 14.61
CA ASP B 70 -34.70 1.32 14.91
C ASP B 70 -35.64 1.60 16.08
N ASP B 71 -35.15 2.31 17.10
CA ASP B 71 -36.04 2.71 18.19
C ASP B 71 -37.18 3.60 17.70
N GLU B 72 -36.84 4.59 16.88
CA GLU B 72 -37.87 5.47 16.31
C GLU B 72 -38.89 4.71 15.48
N LEU B 73 -38.41 3.77 14.67
CA LEU B 73 -39.30 3.02 13.79
C LEU B 73 -40.25 2.15 14.60
N LYS B 74 -39.74 1.54 15.66
CA LYS B 74 -40.56 0.73 16.55
C LYS B 74 -41.69 1.57 17.13
N SER B 75 -41.34 2.79 17.57
CA SER B 75 -42.35 3.70 18.13
C SER B 75 -43.41 4.05 17.09
N VAL B 76 -42.97 4.35 15.86
CA VAL B 76 -43.90 4.72 14.80
C VAL B 76 -44.84 3.56 14.50
N GLU B 77 -44.30 2.35 14.42
CA GLU B 77 -45.10 1.17 14.12
C GLU B 77 -46.14 0.96 15.21
N ASN B 78 -45.73 1.18 16.45
CA ASN B 78 -46.65 1.05 17.58
C ASN B 78 -47.78 2.07 17.58
N GLN B 79 -47.43 3.31 17.23
CA GLN B 79 -48.42 4.38 17.10
C GLN B 79 -49.40 4.08 15.97
N MET B 80 -48.89 3.54 14.86
CA MET B 80 -49.74 3.14 13.75
C MET B 80 -50.68 2.01 14.17
N ARG B 81 -50.17 1.06 14.96
CA ARG B 81 -51.01 -0.02 15.44
C ARG B 81 -52.15 0.52 16.31
N TYR B 82 -51.83 1.43 17.22
CA TYR B 82 -52.89 2.04 18.03
C TYR B 82 -53.92 2.78 17.17
N ALA B 83 -53.45 3.62 16.26
CA ALA B 83 -54.36 4.44 15.46
C ALA B 83 -55.27 3.56 14.60
N GLN B 84 -54.69 2.53 14.00
CA GLN B 84 -55.45 1.63 13.14
C GLN B 84 -56.49 0.86 13.94
N THR B 85 -56.09 0.37 15.12
CA THR B 85 -57.01 -0.36 15.98
C THR B 85 -58.20 0.50 16.40
N GLN B 86 -57.92 1.75 16.76
CA GLN B 86 -58.99 2.66 17.13
C GLN B 86 -59.91 3.03 15.96
N LEU B 87 -59.32 3.20 14.79
CA LEU B 87 -60.09 3.48 13.59
C LEU B 87 -61.03 2.31 13.29
N ASP B 88 -60.50 1.09 13.37
CA ASP B 88 -61.28 -0.13 13.16
C ASP B 88 -62.47 -0.17 14.12
N LYS B 89 -62.18 0.11 15.39
CA LYS B 89 -63.22 0.13 16.41
C LYS B 89 -64.33 1.15 16.12
N LEU B 90 -63.93 2.37 15.76
CA LEU B 90 -64.89 3.43 15.48
C LEU B 90 -65.75 3.08 14.27
N LYS B 91 -65.15 2.42 13.29
CA LYS B 91 -65.90 1.99 12.11
C LYS B 91 -66.89 0.89 12.48
N LEU B 92 -66.57 0.12 13.52
CA LEU B 92 -67.50 -0.90 13.99
C LEU B 92 -68.59 -0.33 14.90
N GLU B 93 -68.40 0.92 15.34
CA GLU B 93 -69.39 1.58 16.19
C GLU B 93 -70.43 2.32 15.36
#